data_1N8E
#
_entry.id   1N8E
#
_cell.length_a   50.000
_cell.length_b   125.350
_cell.length_c   312.060
_cell.angle_alpha   90.00
_cell.angle_beta   90.00
_cell.angle_gamma   90.00
#
_symmetry.space_group_name_H-M   'P 21 21 21'
#
loop_
_entity.id
_entity.type
_entity.pdbx_description
1 polymer 'Fibrin alpha/alpha-E chain'
2 polymer 'Fibrin beta chain'
3 polymer 'Fibrin gamma chain'
#
loop_
_entity_poly.entity_id
_entity_poly.type
_entity_poly.pdbx_seq_one_letter_code
_entity_poly.pdbx_strand_id
1 'polypeptide(L)'
;VSEDLRSRIEVLKRKVIEKVQHIQLLQKNVRAQLVDMKRLEVDIDIKIRSCRGSCSRALAREVDLKDYEDQQKQLEQVIA
KDLLPSRDR
;
A,D
2 'polypeptide(L)'
;DNENVVNEYSSELEKHQLYIDETVNSNIPTNLRVLRSILENLRSKIQKLESDVSAQMEYCRTPCTVSCNIPVVSGKECEE
IIRKGGETSEMYLIQPDSSVKPYRVYCDMNTENGGWTVIQNRQDGSVDFGRKWDPYKQGFGNVATNTDGKNYCGLPGEYW
LGNDKISQLTRMGPTELLIEMEDWKGDKVKAHYGGFTVQNEANKYQISVNKYRGTAGNALMDGASQLMGENRTMTIHNGM
FFSTYDRDNDGWLTSDPRKQCSKEDGGGWWYNRCHAANPNGRYYWGGQYTWDMAKHGTDDGVVWMNWKGSWYSMRKMSMK
IRPFFPQQ
;
B,E
3 'polypeptide(L)'
;KMLEEIMKYEASILTHDSSIRYLQEIYNSNNQKIVNLKEKVAQLEAQCQEPCKDTVQIHDITGKDCQDIANKGAKQSGLY
FIKPLKANQQFLVYCEIDGSGNGWTVFQKRLDGSVDFKKNWIQYKEGFGHLSPTGTTEFWLGNEKIHLISTQSAIPYALR
VELEDWNGRTSTADYAMFKVGPEADKYRLTYAYFAGGDAGDAFDGFDFGDDPSDKFFTSHNGMQFSTWDNDNDKFEGNCA
EQDGSGWWMNKCHAGHLNGVYYQGGTYSKASTPNGYDNGIIWATWKTRWYSMKKTTMKIIPFNRLTIGEGQQHHLGGAKQ
AGDV
;
C,F
#
# COMPACT_ATOMS: atom_id res chain seq x y z
CA ILE A 9 -101.40 -25.52 -50.10
CA GLU A 10 -100.86 -22.68 -47.59
CA VAL A 11 -99.95 -25.34 -45.01
CA LEU A 12 -97.55 -26.72 -47.64
CA LYS A 13 -95.78 -25.11 -50.61
CA ARG A 14 -96.64 -21.81 -48.93
CA LYS A 15 -95.22 -22.80 -45.58
CA VAL A 16 -92.12 -24.10 -47.35
CA ILE A 17 -91.57 -20.80 -49.12
CA GLU A 18 -92.15 -18.99 -45.80
CA LYS A 19 -89.29 -20.97 -44.23
CA VAL A 20 -86.90 -20.69 -47.20
CA GLN A 21 -87.01 -16.91 -46.78
CA HIS A 22 -85.99 -17.28 -43.13
CA ILE A 23 -83.05 -19.56 -44.01
CA GLN A 24 -82.00 -17.04 -46.68
CA LEU A 25 -82.07 -14.27 -44.03
CA LEU A 26 -79.90 -16.39 -41.73
CA GLN A 27 -77.53 -17.14 -44.60
CA LYS A 28 -76.82 -13.49 -45.32
CA ASN A 29 -76.63 -12.83 -41.59
CA VAL A 30 -73.97 -15.45 -40.95
CA ARG A 31 -72.08 -14.26 -44.02
CA ALA A 32 -71.73 -10.87 -42.31
CA GLN A 33 -70.86 -12.44 -38.88
CA LEU A 34 -67.96 -14.49 -40.33
CA VAL A 35 -66.55 -11.16 -41.66
CA ASP A 36 -67.00 -9.47 -38.22
CA MET A 37 -65.29 -12.50 -36.57
CA LYS A 38 -62.30 -12.49 -38.95
CA ARG A 39 -61.91 -8.77 -38.31
CA LEU A 40 -62.07 -9.18 -34.50
CA GLU A 41 -59.42 -11.98 -34.45
CA VAL A 42 -56.94 -9.82 -36.49
CA ASP A 43 -57.78 -6.75 -34.37
CA ILE A 44 -57.13 -8.76 -31.15
CA ASP A 45 -53.84 -10.21 -32.49
CA ILE A 46 -52.65 -6.63 -33.32
CA LYS A 47 -53.71 -5.08 -29.92
CA ILE A 48 -52.07 -7.88 -28.25
CA ARG A 49 -48.68 -7.96 -29.99
CA SER A 50 -49.07 -4.18 -29.86
CA CYS A 51 -48.00 -4.75 -26.26
CA ARG A 52 -44.71 -6.68 -26.30
CA GLY A 53 -42.81 -3.48 -25.63
CA SER A 54 -44.94 -1.95 -22.88
CA CYS A 55 -45.42 -4.63 -20.25
CA SER A 56 -43.76 -7.93 -19.35
CA ARG A 57 -44.84 -9.73 -21.47
CA ALA A 58 -47.32 -10.40 -24.29
CA LEU A 59 -49.31 -13.65 -24.83
CA ALA A 60 -47.76 -15.95 -27.51
CA ARG A 61 -50.54 -16.80 -29.95
CA GLU A 62 -51.00 -18.02 -33.53
CA VAL A 63 -53.68 -16.81 -35.94
CA ASP A 64 -54.65 -18.51 -39.22
CA LEU A 65 -57.61 -17.27 -41.16
CA LYS A 66 -57.94 -20.72 -42.82
CA ASP A 67 -60.67 -22.12 -40.61
CA TYR A 68 -62.43 -18.80 -41.39
CA GLU A 69 -61.70 -19.19 -45.09
CA ASP A 70 -62.87 -22.79 -45.23
CA GLN A 71 -66.09 -21.74 -43.55
CA GLN A 72 -66.63 -18.76 -45.87
CA LYS A 73 -66.40 -20.76 -49.14
CA GLN A 74 -68.48 -23.53 -47.58
CA LEU A 75 -71.24 -21.05 -46.74
CA GLU A 76 -70.86 -19.47 -50.21
CA GLN A 77 -71.47 -22.87 -51.86
CA VAL A 78 -74.71 -23.27 -49.94
CA ILE A 79 -75.88 -19.68 -50.59
CA ALA A 80 -74.94 -19.97 -54.26
CA LYS A 81 -76.13 -23.47 -54.93
CA ASP A 82 -79.59 -22.46 -53.79
CA LEU B 18 -95.23 -30.17 -56.93
CA TYR B 19 -92.12 -32.32 -56.25
CA ILE B 20 -90.25 -29.29 -54.92
CA ASP B 21 -91.23 -30.57 -51.47
CA GLU B 22 -88.11 -32.76 -51.67
CA THR B 23 -86.00 -29.89 -50.39
CA VAL B 24 -88.01 -30.29 -47.18
CA ASN B 25 -86.09 -33.48 -46.54
CA SER B 26 -83.09 -32.67 -48.72
CA ASN B 27 -81.85 -29.09 -48.97
CA ILE B 28 -83.27 -27.46 -45.81
CA PRO B 29 -81.72 -30.17 -43.60
CA THR B 30 -78.36 -29.57 -45.26
CA ASN B 31 -78.52 -25.78 -44.95
CA LEU B 32 -79.36 -26.37 -41.29
CA ARG B 33 -76.30 -28.56 -41.10
CA VAL B 34 -73.86 -25.99 -42.54
CA LEU B 35 -75.31 -23.08 -40.56
CA ARG B 36 -75.27 -25.06 -37.33
CA SER B 37 -71.55 -25.96 -37.56
CA ILE B 38 -70.44 -22.48 -38.44
CA LEU B 39 -72.47 -20.76 -35.63
CA GLU B 40 -71.28 -23.15 -32.91
CA ASN B 41 -67.73 -22.79 -34.25
CA LEU B 42 -67.95 -18.97 -34.08
CA ARG B 43 -69.25 -19.37 -30.51
CA SER B 44 -66.13 -21.29 -29.31
CA LYS B 45 -63.70 -18.89 -31.02
CA ILE B 46 -65.33 -15.94 -29.18
CA GLN B 47 -64.93 -17.58 -25.80
CA LYS B 48 -61.19 -18.29 -26.42
CA LEU B 49 -60.60 -14.68 -27.62
CA GLU B 50 -62.13 -13.42 -24.30
CA SER B 51 -59.74 -15.73 -22.44
CA ASP B 52 -56.83 -14.20 -24.46
CA VAL B 53 -57.76 -10.54 -23.72
CA SER B 54 -58.22 -11.37 -20.03
CA ALA B 55 -54.80 -13.07 -19.77
CA GLN B 56 -53.01 -10.10 -21.43
CA MET B 57 -54.77 -7.73 -18.97
CA GLU B 58 -53.09 -9.68 -16.11
CA TYR B 59 -49.43 -10.08 -18.46
CA CYS B 60 -49.34 -6.35 -17.77
CA ARG B 61 -48.86 -6.11 -14.00
CA THR B 62 -45.14 -5.84 -14.82
CA PRO B 63 -43.71 -3.14 -17.17
CA CYS B 64 -40.85 -3.54 -19.69
CA THR B 65 -37.87 -2.23 -17.77
CA VAL B 66 -35.01 -1.37 -20.13
CA SER B 67 -31.82 0.33 -18.96
CA CYS B 68 -30.39 2.93 -21.34
CA ASN B 69 -27.37 4.79 -20.01
CA ILE B 70 -27.23 8.29 -21.57
CA PRO B 71 -24.28 8.37 -23.98
CA VAL B 72 -21.86 11.05 -22.78
CA VAL B 73 -21.58 12.83 -26.11
CA SER B 74 -24.34 15.25 -27.22
CA GLY B 75 -25.23 18.46 -29.07
CA LYS B 76 -28.22 19.94 -30.98
CA GLU B 77 -29.36 17.02 -33.18
CA CYS B 78 -28.08 13.59 -34.36
CA GLU B 79 -26.01 15.10 -37.19
CA GLU B 80 -23.68 17.52 -35.35
CA ILE B 81 -23.16 14.54 -33.05
CA ILE B 82 -21.15 12.42 -35.44
CA ARG B 83 -19.03 15.43 -36.36
CA LYS B 84 -18.28 15.09 -32.65
CA GLY B 85 -16.94 11.55 -32.93
CA GLY B 86 -20.04 9.61 -31.92
CA GLU B 87 -19.99 6.97 -34.59
CA THR B 88 -22.22 4.18 -33.33
CA SER B 89 -26.01 4.05 -33.66
CA GLU B 90 -26.87 3.59 -29.97
CA MET B 91 -29.26 5.67 -27.86
CA TYR B 92 -28.51 9.36 -27.55
CA LEU B 93 -29.58 12.60 -25.92
CA ILE B 94 -29.96 16.06 -27.42
CA GLN B 95 -31.10 19.64 -26.76
CA PRO B 96 -31.64 21.42 -30.14
CA ASP B 97 -33.15 24.69 -28.94
CA SER B 98 -31.13 26.36 -26.14
CA SER B 99 -34.52 26.96 -24.51
CA VAL B 100 -36.59 23.79 -23.79
CA LYS B 101 -35.07 21.02 -21.64
CA PRO B 102 -33.47 17.89 -23.32
CA TYR B 103 -35.00 14.64 -24.50
CA ARG B 104 -33.68 11.33 -25.80
CA VAL B 105 -33.48 10.41 -29.51
CA TYR B 106 -32.30 7.47 -31.61
CA CYS B 107 -29.49 8.36 -34.07
CA ASP B 108 -28.19 6.71 -37.23
CA MET B 109 -24.45 6.88 -37.71
CA ASN B 110 -24.24 4.31 -40.52
CA THR B 111 -27.08 4.84 -42.94
CA GLU B 112 -26.84 7.61 -45.56
CA ASN B 113 -23.50 8.95 -44.31
CA GLY B 114 -24.96 9.37 -40.83
CA GLY B 115 -26.15 12.34 -38.83
CA TRP B 116 -29.67 10.90 -39.03
CA THR B 117 -32.13 11.82 -36.26
CA VAL B 118 -34.81 9.09 -36.36
CA ILE B 119 -38.19 10.81 -36.15
CA GLN B 120 -40.45 7.79 -36.56
CA ASN B 121 -39.71 4.12 -36.46
CA ARG B 122 -41.63 0.90 -36.88
CA GLN B 123 -39.85 -2.48 -37.02
CA ASP B 124 -42.12 -4.67 -34.92
CA GLY B 125 -45.68 -3.86 -33.82
CA SER B 126 -45.29 -3.34 -30.08
CA VAL B 127 -47.29 -0.16 -29.45
CA ASP B 128 -50.75 1.31 -30.06
CA PHE B 129 -49.75 3.89 -32.72
CA GLY B 130 -53.41 4.84 -32.43
CA ARG B 131 -53.70 7.55 -29.74
CA LYS B 132 -55.40 10.96 -29.59
CA TRP B 133 -53.74 14.23 -30.47
CA ASP B 134 -52.08 14.85 -27.10
CA PRO B 135 -50.11 11.56 -27.52
CA TYR B 136 -49.07 12.41 -31.07
CA LYS B 137 -48.06 15.61 -29.26
CA GLN B 138 -45.90 14.62 -26.34
CA GLY B 139 -44.25 12.07 -28.58
CA PHE B 140 -45.08 8.50 -27.57
CA GLY B 141 -43.25 5.23 -28.04
CA ASN B 142 -40.23 3.21 -26.92
CA VAL B 143 -37.14 4.99 -28.10
CA ALA B 144 -34.47 2.28 -27.66
CA THR B 145 -34.35 -1.23 -26.15
CA ASN B 146 -31.35 -3.37 -25.21
CA THR B 147 -28.87 -5.78 -26.71
CA ASP B 148 -27.48 -9.04 -25.23
CA GLY B 149 -25.00 -8.04 -22.55
CA LYS B 150 -25.00 -4.24 -23.05
CA ASN B 151 -25.53 -1.13 -20.86
CA TYR B 152 -26.69 1.27 -23.57
CA CYS B 153 -29.50 0.65 -26.05
CA GLY B 154 -28.43 -0.57 -29.49
CA LEU B 155 -31.90 -1.50 -30.78
CA PRO B 156 -34.37 1.32 -31.56
CA GLY B 157 -38.13 1.11 -31.13
CA GLU B 158 -41.54 2.17 -32.40
CA TYR B 159 -41.86 5.81 -31.40
CA TRP B 160 -43.15 9.11 -32.65
CA LEU B 161 -40.98 11.65 -30.87
CA GLY B 162 -43.25 14.65 -30.34
CA ASN B 163 -44.42 16.86 -33.22
CA ASP B 164 -43.55 19.88 -31.14
CA LYS B 165 -40.07 18.30 -31.17
CA ILE B 166 -40.17 17.58 -34.90
CA SER B 167 -41.74 20.79 -36.11
CA GLN B 168 -39.14 22.46 -33.90
CA LEU B 169 -36.14 20.62 -35.36
CA THR B 170 -36.83 21.51 -39.00
CA ARG B 171 -37.73 25.12 -38.10
CA MET B 172 -34.06 25.64 -37.19
CA GLY B 173 -33.06 25.74 -40.86
CA PRO B 174 -32.86 23.09 -43.60
CA THR B 175 -33.99 19.47 -43.17
CA GLU B 176 -33.78 16.41 -45.47
CA LEU B 177 -36.33 13.61 -44.82
CA LEU B 178 -35.05 10.12 -45.70
CA ILE B 179 -37.74 7.45 -45.21
CA GLU B 180 -36.64 3.80 -45.48
CA MET B 181 -39.05 0.80 -45.26
CA GLU B 182 -39.25 -2.93 -46.12
CA ASP B 183 -41.40 -6.06 -46.69
CA TRP B 184 -41.52 -9.77 -45.76
CA LYS B 185 -38.85 -11.15 -48.11
CA GLY B 186 -36.08 -8.59 -47.73
CA ASP B 187 -36.79 -6.04 -50.48
CA LYS B 188 -36.01 -2.41 -49.50
CA VAL B 189 -36.22 1.09 -50.98
CA LYS B 190 -35.88 4.75 -49.81
CA ALA B 191 -38.05 7.88 -49.87
CA HIS B 192 -35.36 10.55 -49.24
CA TYR B 193 -36.39 14.25 -49.34
CA GLY B 194 -33.97 17.12 -50.01
CA GLY B 195 -36.40 19.20 -47.97
CA PHE B 196 -38.98 18.58 -45.24
CA THR B 197 -40.76 20.68 -42.62
CA VAL B 198 -43.63 20.68 -40.16
CA GLN B 199 -45.24 23.90 -38.95
CA ASN B 200 -45.88 24.45 -35.25
CA GLU B 201 -48.95 23.00 -33.48
CA ALA B 202 -51.10 26.11 -34.09
CA ASN B 203 -50.51 25.47 -37.80
CA LYS B 204 -52.17 22.07 -37.43
CA TYR B 205 -48.60 20.70 -37.90
CA GLN B 206 -48.63 21.54 -41.61
CA ILE B 207 -46.21 19.28 -43.50
CA SER B 208 -44.43 20.28 -46.70
CA VAL B 209 -41.65 18.62 -48.69
CA ASN B 210 -39.60 19.73 -51.75
CA LYS B 211 -37.33 17.66 -54.04
CA TYR B 212 -37.51 13.84 -54.11
CA ARG B 213 -35.44 10.91 -55.47
CA GLY B 214 -35.61 7.29 -54.37
CA THR B 215 -36.62 3.72 -55.11
CA ALA B 216 -39.81 3.82 -53.01
CA GLY B 217 -42.18 6.32 -54.62
CA ASN B 218 -42.93 10.06 -54.15
CA ALA B 219 -46.21 9.37 -52.38
CA LEU B 220 -45.99 12.53 -50.32
CA MET B 221 -45.83 15.19 -53.09
CA ASP B 222 -48.00 13.49 -55.73
CA GLY B 223 -49.58 10.61 -53.85
CA ALA B 224 -51.44 7.85 -55.64
CA SER B 225 -50.12 5.96 -58.67
CA GLN B 226 -52.67 3.19 -59.34
CA LEU B 227 -54.90 6.29 -59.45
CA MET B 228 -55.38 8.97 -62.19
CA GLY B 229 -56.49 12.62 -62.65
CA GLU B 230 -58.38 13.54 -59.47
CA ASN B 231 -58.15 10.00 -58.07
CA ARG B 232 -54.31 10.08 -57.73
CA THR B 233 -54.11 13.75 -56.61
CA MET B 234 -56.89 13.53 -54.00
CA THR B 235 -54.41 12.13 -51.52
CA ILE B 236 -51.31 14.28 -51.94
CA HIS B 237 -50.05 14.59 -48.35
CA ASN B 238 -47.79 17.50 -49.36
CA GLY B 239 -48.85 20.77 -47.77
CA MET B 240 -51.70 19.12 -45.91
CA PHE B 241 -52.80 19.20 -42.28
CA PHE B 242 -51.86 16.77 -39.47
CA SER B 243 -54.50 15.13 -37.27
CA THR B 244 -55.31 12.24 -34.89
CA TYR B 245 -58.51 10.26 -34.33
CA ASP B 246 -59.84 13.42 -32.71
CA ARG B 247 -59.72 16.51 -34.97
CA ASP B 248 -60.97 16.63 -38.61
CA ASN B 249 -58.19 17.96 -40.78
CA ASP B 250 -58.34 15.52 -43.72
CA GLY B 251 -59.10 16.95 -47.16
CA TRP B 252 -62.26 14.89 -47.19
CA LEU B 253 -65.46 16.76 -46.27
CA THR B 254 -68.55 14.87 -44.97
CA SER B 255 -71.77 15.17 -42.96
CA ASP B 256 -70.95 11.54 -42.23
CA PRO B 257 -68.70 11.34 -39.10
CA ARG B 258 -67.84 7.70 -39.97
CA LYS B 259 -66.67 9.05 -43.33
CA GLN B 260 -63.47 10.31 -41.66
CA CYS B 261 -59.84 9.19 -42.15
CA SER B 262 -58.92 8.95 -38.48
CA LYS B 263 -61.98 6.84 -37.85
CA GLU B 264 -60.34 4.84 -40.63
CA ASP B 265 -56.62 3.90 -41.36
CA GLY B 266 -55.08 3.68 -37.86
CA GLY B 267 -53.21 6.76 -36.62
CA GLY B 268 -51.83 10.23 -37.17
CA TRP B 269 -50.70 11.73 -40.46
CA TRP B 270 -51.02 14.85 -42.58
CA TYR B 271 -54.11 12.98 -43.84
CA ASN B 272 -55.56 14.20 -47.16
CA ARG B 273 -58.90 12.75 -48.27
CA CYS B 274 -57.33 9.79 -46.44
CA HIS B 275 -54.08 8.35 -47.74
CA ALA B 276 -51.46 7.16 -50.23
CA ALA B 277 -49.02 6.23 -47.46
CA ASN B 278 -50.12 5.74 -43.87
CA PRO B 279 -46.93 5.28 -41.86
CA ASN B 280 -48.27 4.78 -38.33
CA GLY B 281 -51.30 2.57 -39.03
CA ARG B 282 -52.18 -0.83 -37.64
CA TYR B 283 -49.41 -3.35 -37.88
CA TYR B 284 -50.30 -6.47 -39.91
CA TRP B 285 -47.91 -9.42 -39.84
CA GLY B 286 -47.48 -10.39 -43.52
CA GLY B 287 -48.35 -7.45 -45.75
CA GLN B 288 -51.46 -8.93 -47.32
CA TYR B 289 -54.75 -7.96 -45.52
CA THR B 290 -58.37 -6.80 -46.24
CA TRP B 291 -61.84 -5.66 -45.06
CA ASP B 292 -62.95 -8.87 -43.33
CA MET B 293 -59.42 -8.59 -42.00
CA ALA B 294 -59.44 -4.94 -40.84
CA LYS B 295 -61.43 -2.64 -38.56
CA HIS B 296 -62.83 0.04 -40.93
CA GLY B 297 -62.36 -1.05 -44.55
CA THR B 298 -60.00 1.84 -45.13
CA ASP B 299 -56.60 0.40 -45.87
CA ASP B 300 -55.28 1.28 -42.44
CA GLY B 301 -51.85 0.20 -41.21
CA VAL B 302 -48.48 1.30 -42.48
CA VAL B 303 -48.73 1.25 -46.26
CA TRP B 304 -46.54 2.92 -48.89
CA MET B 305 -48.98 2.21 -51.76
CA ASN B 306 -46.66 3.56 -54.46
CA TRP B 307 -44.67 0.37 -54.10
CA LYS B 308 -46.62 -2.52 -52.51
CA GLY B 309 -50.09 -1.33 -53.41
CA SER B 310 -53.04 -0.65 -51.15
CA TRP B 311 -53.18 -4.08 -49.56
CA TYR B 312 -49.72 -4.89 -48.16
CA SER B 313 -48.44 -3.87 -44.72
CA MET B 314 -44.72 -3.24 -44.25
CA ARG B 315 -42.33 -4.82 -41.80
CA LYS B 316 -40.35 -1.60 -41.77
CA MET B 317 -41.05 2.12 -42.43
CA SER B 318 -39.00 4.89 -40.85
CA MET B 319 -38.71 8.68 -40.65
CA LYS B 320 -35.46 10.59 -39.93
CA ILE B 321 -34.04 14.14 -40.23
CA ARG B 322 -30.59 15.72 -40.88
CA PRO B 323 -29.87 19.46 -41.51
CA PHE B 324 -28.35 19.87 -45.02
CA GLU C 10 -95.07 -33.08 -45.18
CA ALA C 11 -96.77 -30.63 -42.82
CA SER C 12 -94.57 -32.24 -40.21
CA ILE C 13 -91.05 -32.06 -41.66
CA LEU C 14 -91.81 -28.41 -40.96
CA THR C 15 -90.15 -29.25 -37.64
CA HIS C 16 -87.58 -26.88 -39.04
CA ASP C 17 -89.55 -23.99 -37.61
CA SER C 18 -88.13 -24.86 -34.24
CA SER C 19 -84.63 -25.85 -35.46
CA ILE C 20 -84.39 -22.53 -37.31
CA ARG C 21 -85.34 -20.63 -34.15
CA TYR C 22 -82.43 -22.44 -32.43
CA LEU C 23 -79.96 -21.08 -34.93
CA GLN C 24 -81.41 -17.57 -34.65
CA GLU C 25 -80.76 -17.59 -30.89
CA ILE C 26 -77.01 -18.44 -31.17
CA TYR C 27 -76.71 -15.98 -34.07
CA ASN C 28 -78.04 -13.20 -31.77
CA SER C 29 -76.04 -14.15 -28.65
CA ASN C 30 -72.90 -14.41 -30.78
CA ASN C 31 -73.51 -10.79 -32.02
CA GLN C 32 -73.78 -9.38 -28.48
CA LYS C 33 -70.78 -11.44 -27.34
CA ILE C 34 -68.83 -9.69 -30.15
CA VAL C 35 -70.03 -6.30 -28.97
CA ASN C 36 -69.00 -7.29 -25.42
CA LEU C 37 -65.52 -8.43 -26.56
CA LYS C 38 -64.93 -5.20 -28.38
CA GLU C 39 -65.66 -3.42 -25.06
CA LYS C 40 -62.99 -5.55 -23.32
CA VAL C 41 -60.48 -4.83 -26.09
CA ALA C 42 -60.93 -1.07 -25.50
CA GLN C 43 -60.08 -1.62 -21.78
CA LEU C 44 -56.92 -3.58 -22.63
CA GLU C 45 -55.84 -0.63 -24.89
CA ALA C 46 -56.08 1.82 -21.99
CA GLN C 47 -53.49 -0.33 -20.13
CA CYS C 48 -51.25 -1.22 -23.66
CA GLN C 49 -50.59 2.39 -24.51
CA GLU C 50 -47.95 3.75 -22.17
CA PRO C 51 -44.15 3.36 -22.58
CA CYS C 52 -41.31 1.33 -21.00
CA LYS C 53 -40.28 3.13 -17.84
CA ASP C 54 -36.67 4.14 -18.22
CA THR C 55 -35.14 3.88 -14.75
CA VAL C 56 -32.17 6.10 -15.59
CA GLN C 57 -33.99 9.41 -15.25
CA ILE C 58 -32.55 12.84 -14.46
CA HIS C 59 -32.97 15.44 -11.77
CA ASP C 60 -34.31 18.88 -12.68
CA ILE C 61 -32.59 21.42 -10.39
CA THR C 62 -30.15 23.28 -12.66
CA GLY C 63 -27.28 25.43 -11.45
CA LYS C 64 -23.90 26.89 -12.43
CA ASP C 65 -22.14 23.68 -11.33
CA CYS C 66 -22.68 20.58 -9.17
CA GLN C 67 -22.13 22.51 -5.95
CA ASP C 68 -24.89 24.91 -7.01
CA ILE C 69 -27.09 21.83 -7.36
CA ALA C 70 -26.09 20.30 -4.02
CA ASN C 71 -26.89 23.57 -2.27
CA LYS C 72 -30.37 23.79 -3.78
CA GLY C 73 -31.12 21.40 -0.96
CA ALA C 74 -30.63 18.23 -3.01
CA LYS C 75 -29.38 14.88 -1.73
CA GLN C 76 -29.23 11.99 -4.25
CA SER C 77 -25.98 11.94 -6.26
CA GLY C 78 -27.32 11.40 -9.75
CA LEU C 79 -27.14 12.86 -13.24
CA TYR C 80 -27.97 16.56 -13.36
CA PHE C 81 -27.71 19.40 -15.81
CA ILE C 82 -25.59 22.57 -15.79
CA LYS C 83 -24.66 25.71 -17.72
CA PRO C 84 -21.92 28.15 -16.42
CA LEU C 85 -21.63 31.84 -17.50
CA LYS C 86 -19.22 30.87 -20.29
CA ALA C 87 -21.10 27.86 -21.69
CA ASN C 88 -23.61 28.23 -24.52
CA GLN C 89 -25.40 24.86 -24.50
CA GLN C 90 -25.81 22.66 -21.42
CA PHE C 91 -24.32 19.21 -20.76
CA LEU C 92 -24.82 16.19 -18.45
CA VAL C 93 -22.71 15.30 -15.41
CA TYR C 94 -22.88 12.91 -12.41
CA CYS C 95 -22.70 14.70 -9.07
CA GLU C 96 -21.73 13.13 -5.73
CA ILE C 97 -23.58 14.96 -2.96
CA ASP C 98 -22.90 13.99 0.65
CA GLY C 99 -24.46 14.88 3.98
CA SER C 100 -22.75 18.17 4.90
CA GLY C 101 -23.91 19.94 1.70
CA ASN C 102 -20.92 19.65 -0.65
CA GLY C 103 -21.70 18.67 -4.25
CA TRP C 104 -19.06 17.03 -6.45
CA THR C 105 -18.84 16.70 -10.21
CA VAL C 106 -17.26 13.59 -11.77
CA PHE C 107 -15.46 14.16 -15.00
CA GLN C 108 -13.99 10.67 -15.27
CA LYS C 109 -13.71 7.30 -13.52
CA ARG C 110 -12.64 3.97 -15.08
CA LEU C 111 -14.04 0.99 -13.17
CA ASP C 112 -14.29 -2.21 -15.14
CA GLY C 113 -12.77 -1.60 -18.52
CA SER C 114 -16.20 -1.40 -20.11
CA VAL C 115 -15.12 1.46 -22.35
CA ASP C 116 -12.30 2.28 -24.73
CA PHE C 117 -9.97 5.15 -23.82
CA LYS C 118 -8.15 5.41 -27.17
CA LYS C 119 -10.48 7.90 -28.82
CA ASN C 120 -9.17 10.59 -31.16
CA TRP C 121 -8.76 14.25 -30.28
CA ILE C 122 -12.21 15.59 -31.18
CA GLN C 123 -13.93 12.71 -29.39
CA TYR C 124 -11.79 13.70 -26.39
CA LYS C 125 -12.75 17.39 -26.40
CA GLU C 126 -16.50 16.82 -26.31
CA GLY C 127 -16.47 13.59 -24.28
CA PHE C 128 -17.48 9.94 -24.24
CA GLY C 129 -18.77 7.11 -22.11
CA HIS C 130 -22.08 7.51 -20.28
CA LEU C 131 -23.64 8.71 -17.06
CA SER C 132 -25.66 6.19 -15.08
CA PRO C 133 -27.29 7.39 -11.86
CA THR C 134 -25.93 4.40 -9.93
CA GLY C 135 -22.29 5.04 -10.83
CA THR C 136 -20.99 1.83 -12.41
CA THR C 137 -20.33 3.70 -15.65
CA GLU C 138 -16.91 4.76 -17.08
CA PHE C 139 -16.36 7.88 -19.15
CA TRP C 140 -14.65 11.20 -19.82
CA LEU C 141 -16.78 14.38 -19.66
CA GLY C 142 -14.84 16.30 -22.34
CA ASN C 143 -11.85 18.57 -21.80
CA GLU C 144 -13.65 21.54 -23.29
CA LYS C 145 -16.54 20.55 -21.04
CA ILE C 146 -14.35 20.18 -17.96
CA HIS C 147 -12.57 23.48 -18.48
CA LEU C 148 -15.86 25.42 -18.40
CA ILE C 149 -16.74 23.98 -15.01
CA SER C 150 -13.24 24.54 -13.57
CA THR C 151 -13.28 28.22 -14.53
CA GLN C 152 -16.34 29.86 -12.87
CA SER C 153 -15.70 33.56 -12.05
CA ALA C 154 -12.43 33.71 -10.09
CA ILE C 155 -13.92 30.88 -8.03
CA PRO C 156 -11.33 28.10 -7.39
CA TYR C 157 -11.91 24.34 -7.74
CA ALA C 158 -10.01 21.29 -6.45
CA LEU C 159 -9.51 17.93 -8.18
CA ARG C 160 -9.55 14.97 -5.77
CA VAL C 161 -8.55 11.73 -7.48
CA GLU C 162 -9.79 8.63 -5.74
CA LEU C 163 -8.08 5.33 -6.66
CA GLU C 164 -8.61 1.62 -5.88
CA ASP C 165 -6.25 -1.37 -6.19
CA TRP C 166 -7.66 -4.90 -6.39
CA ASN C 167 -8.03 -5.50 -2.66
CA GLY C 168 -10.29 -2.67 -1.57
CA ARG C 169 -7.77 -0.25 -0.08
CA THR C 170 -8.92 3.28 -0.98
CA SER C 171 -6.48 6.19 -1.52
CA THR C 172 -6.75 9.77 -2.83
CA ALA C 173 -4.81 12.60 -4.42
CA ASP C 174 -6.27 16.09 -4.12
CA TYR C 175 -5.09 19.31 -5.76
CA ALA C 176 -5.78 23.00 -5.16
CA MET C 177 -6.66 25.56 -7.77
CA PHE C 178 -7.82 23.08 -10.41
CA LYS C 179 -8.52 24.40 -13.95
CA VAL C 180 -8.29 22.70 -17.35
CA GLY C 181 -6.90 25.09 -19.96
CA PRO C 182 -8.94 26.12 -23.10
CA GLU C 183 -8.42 24.74 -26.60
CA ALA C 184 -6.83 28.01 -27.80
CA ASP C 185 -3.83 26.75 -25.81
CA LYS C 186 -4.44 22.98 -25.90
CA TYR C 187 -5.84 21.79 -22.55
CA ARG C 188 -3.18 22.19 -19.87
CA LEU C 189 -3.87 20.65 -16.44
CA THR C 190 -2.72 23.60 -14.40
CA TYR C 191 -2.85 23.70 -10.62
CA ALA C 192 -1.38 25.78 -7.79
CA TYR C 193 -0.27 23.29 -5.15
CA PHE C 194 -1.22 20.07 -3.42
CA ALA C 195 -3.81 19.03 -0.88
CA GLY C 196 -2.84 15.67 0.56
CA GLY C 197 -3.66 11.99 0.34
CA ASP C 198 -2.23 8.50 0.75
CA ALA C 199 -1.88 8.02 -3.02
CA GLY C 200 0.83 10.60 -3.35
CA ASP C 201 0.91 13.86 -5.29
CA ALA C 202 1.62 12.46 -8.73
CA PHE C 203 1.30 15.41 -11.14
CA ASP C 204 4.52 16.76 -9.52
CA GLY C 205 7.02 14.18 -10.69
CA PHE C 206 8.28 10.74 -9.69
CA ASP C 207 11.85 9.47 -9.63
CA PHE C 208 12.15 6.10 -11.39
CA GLY C 209 15.94 6.14 -11.59
CA ASP C 210 15.84 5.63 -15.35
CA ASP C 211 17.80 8.91 -15.40
CA PRO C 212 18.75 11.73 -12.99
CA SER C 213 16.26 14.15 -14.59
CA ASP C 214 13.26 11.79 -14.50
CA LYS C 215 11.22 13.59 -11.82
CA PHE C 216 11.12 16.80 -13.87
CA PHE C 217 10.39 15.25 -17.24
CA THR C 218 7.48 13.31 -15.74
CA SER C 219 5.54 16.20 -14.18
CA HIS C 220 1.96 16.81 -15.26
CA ASN C 221 1.57 20.29 -13.77
CA GLY C 222 1.43 22.54 -16.81
CA MET C 223 1.49 19.81 -19.44
CA GLN C 224 -1.04 20.71 -22.13
CA PHE C 225 -3.35 17.91 -23.32
CA SER C 226 -2.77 15.40 -26.07
CA THR C 227 -4.11 12.69 -28.40
CA TRP C 228 -2.66 10.33 -31.01
CA ASP C 229 -3.58 12.57 -33.94
CA ASN C 230 -2.61 15.83 -32.20
CA ASP C 231 0.78 15.76 -30.48
CA ASN C 232 1.78 18.45 -27.93
CA ASP C 233 4.43 16.39 -26.14
CA LYS C 234 7.47 17.82 -24.34
CA PHE C 235 9.10 14.69 -25.79
CA GLU C 236 10.38 14.48 -29.36
CA GLY C 237 8.06 11.71 -30.44
CA ASN C 238 4.35 11.26 -29.56
CA CYS C 239 3.83 9.85 -26.03
CA ALA C 240 0.09 9.60 -26.34
CA GLU C 241 0.04 7.51 -29.48
CA GLN C 242 2.51 5.01 -27.99
CA ASP C 243 0.73 4.70 -24.66
CA GLY C 244 -2.29 4.61 -26.97
CA SER C 245 -4.49 7.16 -25.26
CA GLY C 246 -5.17 10.75 -24.22
CA TRP C 247 -3.78 12.65 -21.27
CA TRP C 248 -1.63 15.67 -20.26
CA MET C 249 1.61 13.78 -20.94
CA ASN C 250 5.02 15.17 -19.92
CA LYS C 251 7.82 12.65 -19.85
CA CYS C 252 4.85 10.72 -21.23
CA HIS C 253 3.49 10.17 -17.74
CA ALA C 254 3.80 9.55 -14.02
CA GLY C 255 0.10 9.49 -13.18
CA HIS C 256 -1.63 7.90 -16.14
CA LEU C 257 -5.37 7.67 -15.48
CA ASN C 258 -6.15 6.95 -19.13
CA GLY C 259 -4.31 3.72 -19.89
CA VAL C 260 -5.40 0.26 -20.96
CA TYR C 261 -7.35 -1.77 -18.37
CA TYR C 262 -5.24 -4.63 -17.11
CA GLN C 263 -7.42 -7.33 -15.57
CA GLY C 264 -5.74 -8.49 -12.39
CA GLY C 265 -4.18 -5.10 -11.83
CA THR C 266 -0.68 -6.24 -12.86
CA TYR C 267 1.23 -6.15 -16.14
CA SER C 268 4.92 -6.50 -17.09
CA LYS C 269 7.29 -5.19 -19.76
CA ALA C 270 5.92 -7.67 -22.33
CA SER C 271 2.26 -7.13 -21.47
CA THR C 272 2.81 -4.17 -23.79
CA PRO C 273 3.11 -4.33 -27.64
CA ASN C 274 5.92 -1.83 -28.46
CA GLY C 275 7.88 -1.77 -25.18
CA TYR C 276 6.41 0.80 -22.73
CA ASP C 277 4.00 1.13 -19.73
CA ASN C 278 0.48 2.52 -20.42
CA GLY C 279 -1.63 1.10 -17.62
CA ILE C 280 -3.52 3.23 -15.13
CA ILE C 281 -0.57 4.16 -12.91
CA TRP C 282 -0.06 6.66 -10.10
CA ALA C 283 3.72 6.49 -9.55
CA THR C 284 3.73 7.64 -5.92
CA TRP C 285 0.99 5.25 -4.81
CA LYS C 286 1.98 2.45 -7.23
CA THR C 287 5.00 1.14 -9.18
CA ARG C 288 5.47 1.84 -12.91
CA TRP C 289 3.45 -1.37 -13.29
CA TYR C 290 0.01 -1.93 -11.75
CA SER C 291 -3.21 -0.46 -13.15
CA MET C 292 -6.03 0.40 -10.74
CA LYS C 293 -9.23 -1.69 -10.70
CA LYS C 294 -11.39 1.40 -10.34
CA THR C 295 -10.40 5.10 -10.56
CA THR C 296 -12.32 8.36 -10.17
CA MET C 297 -11.69 12.08 -10.61
CA LYS C 298 -13.88 15.07 -9.77
CA ILE C 299 -13.84 18.79 -9.06
CA ILE C 300 -15.36 21.22 -6.52
CA PRO C 301 -15.05 24.79 -5.22
CA PHE C 302 -11.75 24.68 -3.35
CA ASN C 303 -13.41 26.11 -0.22
CA ARG C 304 -15.10 22.86 0.75
CA ILE D 9 84.13 28.09 76.39
CA GLU D 10 80.76 26.50 77.30
CA VAL D 11 79.10 29.71 76.05
CA LEU D 12 81.18 29.27 72.90
CA LYS D 13 82.76 26.22 71.23
CA ARG D 14 80.40 24.20 73.43
CA LYS D 15 77.32 26.14 72.41
CA VAL D 16 78.41 25.82 68.79
CA ILE D 17 78.69 22.06 69.05
CA GLU D 18 75.30 21.98 70.80
CA LYS D 19 73.71 23.71 67.79
CA VAL D 20 75.55 21.68 65.12
CA GLN D 21 73.92 18.55 66.56
CA HIS D 22 70.50 20.15 66.16
CA ILE D 23 71.17 21.10 62.53
CA GLN D 24 72.37 17.54 61.90
CA LEU D 25 69.09 16.21 63.35
CA LEU D 26 67.10 18.54 61.09
CA GLN D 27 69.21 17.45 58.11
CA LYS D 28 68.39 13.76 58.53
CA ASN D 29 64.79 14.69 59.27
CA VAL D 30 64.31 16.64 56.05
CA ARG D 31 66.08 13.89 54.13
CA ALA D 32 63.29 11.54 55.25
CA GLN D 33 60.51 14.14 54.55
CA LEU D 34 61.63 14.66 50.92
CA VAL D 35 61.25 10.86 50.48
CA ASP D 36 57.76 10.90 52.09
CA MET D 37 56.81 13.86 49.80
CA LYS D 38 58.02 12.17 46.60
CA ARG D 39 56.07 9.06 47.59
CA LEU D 40 52.86 11.05 48.31
CA GLU D 41 52.97 12.90 44.94
CA VAL D 42 53.31 9.58 42.99
CA ASP D 43 50.63 7.96 45.17
CA ILE D 44 48.25 10.90 44.50
CA ASP D 45 48.96 10.86 40.73
CA ILE D 46 48.12 7.10 40.65
CA LYS D 47 44.88 7.39 42.79
CA ILE D 48 44.63 10.32 40.60
CA ARG D 49 43.91 8.09 37.59
CA SER D 50 42.37 5.95 40.37
CA CYS D 51 39.03 7.53 39.40
CA ARG D 52 39.64 7.79 35.62
CA GLY D 53 37.55 4.92 34.33
CA SER D 54 34.57 5.63 36.54
CA CYS D 55 33.55 9.26 37.06
CA SER D 56 33.39 11.95 34.36
CA ARG D 57 36.28 12.93 34.59
CA ALA D 58 39.76 12.92 36.14
CA LEU D 59 41.94 16.02 36.79
CA ALA D 60 44.66 16.56 34.11
CA ARG D 61 47.95 16.95 35.95
CA GLU D 62 51.70 16.63 35.32
CA VAL D 63 54.22 15.21 37.75
CA ASP D 64 58.02 15.55 37.48
CA LEU D 65 60.22 14.35 40.27
CA LYS D 66 62.97 16.78 39.13
CA ASP D 67 62.30 19.56 41.59
CA TYR D 68 62.39 16.73 44.18
CA GLU D 69 65.59 15.37 42.69
CA ASP D 70 67.31 18.75 42.55
CA GLN D 71 66.41 19.27 46.19
CA GLN D 72 67.62 15.81 47.25
CA LYS D 73 71.15 16.16 45.78
CA GLN D 74 71.33 19.72 47.06
CA LEU D 75 70.57 18.53 50.59
CA GLU D 76 73.00 15.62 50.13
CA GLN D 77 75.81 18.06 49.26
CA VAL D 78 75.22 19.97 52.47
CA ILE D 79 74.92 16.82 54.63
CA ALA D 80 78.00 15.32 52.99
CA LYS D 81 80.15 18.41 52.80
CA ASP D 82 79.83 18.79 56.56
CA LEU E 18 89.95 27.91 67.88
CA TYR E 19 89.14 29.35 64.43
CA ILE E 20 86.37 26.80 63.94
CA ASP E 21 84.02 29.60 65.06
CA GLU E 22 84.00 30.71 61.41
CA THR E 23 81.25 28.23 60.64
CA VAL E 24 79.14 30.38 62.97
CA ASN E 25 79.09 33.01 60.25
CA SER E 26 79.85 30.69 57.35
CA ASN E 27 78.47 27.14 57.34
CA ILE E 28 75.53 27.35 59.77
CA PRO E 29 74.02 30.30 57.85
CA THR E 30 74.29 28.29 54.63
CA ASN E 31 72.76 25.13 56.09
CA LEU E 32 69.96 27.36 57.36
CA ARG E 33 69.63 28.66 53.83
CA VAL E 34 69.29 25.23 52.16
CA LEU E 35 66.98 23.83 54.83
CA ARG E 36 64.75 26.90 54.73
CA SER E 37 64.15 26.74 50.96
CA ILE E 38 63.42 23.05 50.91
CA LEU E 39 60.95 23.18 53.88
CA GLU E 40 58.98 26.13 52.49
CA ASN E 41 58.98 24.43 49.08
CA LEU E 42 57.59 21.19 50.58
CA ARG E 43 54.93 23.33 52.31
CA SER E 44 53.59 24.79 49.00
CA LYS E 45 53.55 21.41 47.23
CA ILE E 46 51.40 19.94 50.06
CA GLN E 47 48.83 22.70 49.77
CA LYS E 48 48.50 22.20 45.96
CA LEU E 49 48.16 18.40 46.39
CA GLU E 50 45.25 19.01 48.84
CA SER E 51 43.65 21.26 46.21
CA ASP E 52 44.05 18.40 43.65
CA VAL E 53 42.43 15.71 45.86
CA SER E 54 39.56 18.07 46.69
CA ALA E 55 38.89 18.89 43.00
CA GLN E 56 38.82 15.17 42.03
CA MET E 57 36.34 14.51 44.90
CA GLU E 58 33.95 17.03 43.22
CA TYR E 59 33.98 15.65 40.69
CA CYS E 60 32.36 12.20 40.76
CA ARG E 61 28.77 13.37 41.04
CA THR E 62 28.47 12.07 37.45
CA PRO E 63 29.31 8.44 36.49
CA CYS E 64 30.99 7.20 33.26
CA THR E 65 28.06 6.19 31.14
CA VAL E 66 29.20 3.96 28.28
CA SER E 67 26.74 2.25 25.92
CA CYS E 68 27.65 -1.30 24.89
CA ASN E 69 25.04 -3.04 22.79
CA ILE E 70 25.20 -6.83 23.36
CA PRO E 71 26.66 -8.43 20.19
CA VAL E 72 24.04 -10.83 18.84
CA VAL E 73 26.36 -13.81 18.56
CA SER E 74 27.25 -15.89 21.66
CA GLY E 75 28.03 -19.31 23.11
CA LYS E 76 30.01 -20.78 26.05
CA GLU E 77 33.33 -18.82 25.97
CA CYS E 78 35.18 -16.44 23.65
CA GLU E 79 36.71 -19.33 21.64
CA GLU E 80 33.65 -21.24 20.40
CA ILE E 81 32.44 -17.77 19.45
CA ILE E 82 34.86 -17.20 16.59
CA ARG E 83 34.09 -20.70 15.26
CA LYS E 84 30.65 -19.10 15.02
CA GLY E 85 31.77 -16.26 12.76
CA GLY E 86 32.31 -13.49 15.30
CA GLU E 87 35.64 -12.22 14.09
CA THR E 88 36.02 -8.76 15.60
CA SER E 89 37.30 -8.04 19.13
CA GLU E 90 34.34 -5.99 20.39
CA MET E 91 32.31 -6.57 23.54
CA TYR E 92 30.58 -9.89 23.91
CA LEU E 93 28.30 -11.95 26.12
CA ILE E 94 28.56 -15.56 27.21
CA GLN E 95 27.04 -18.27 29.36
CA PRO E 96 29.61 -21.10 29.86
CA ASP E 97 27.81 -23.28 32.38
CA SER E 98 24.20 -24.07 31.38
CA SER E 99 23.38 -23.28 35.02
CA VAL E 100 24.33 -19.76 36.20
CA LYS E 101 22.96 -16.70 34.36
CA PRO E 102 25.08 -14.87 31.69
CA TYR E 103 27.68 -12.12 32.06
CA ARG E 104 29.66 -9.91 29.65
CA VAL E 105 33.26 -10.60 28.60
CA TYR E 106 35.87 -9.02 26.31
CA CYS E 107 37.07 -11.33 23.54
CA ASP E 108 40.18 -11.37 21.34
CA MET E 109 39.61 -12.45 17.77
CA ASN E 110 42.96 -11.30 16.41
CA THR E 111 45.71 -12.18 18.86
CA GLU E 112 47.09 -15.73 18.99
CA ASN E 113 44.65 -17.14 16.41
CA GLY E 114 41.73 -15.84 18.48
CA GLY E 115 39.21 -17.47 20.73
CA TRP E 116 40.77 -15.56 23.62
CA THR E 117 38.55 -14.79 26.66
CA VAL E 118 40.26 -11.87 28.42
CA ILE E 119 40.32 -12.63 32.13
CA GLN E 120 42.29 -9.63 33.38
CA ASN E 121 43.28 -6.45 31.65
CA ARG E 122 45.25 -3.36 32.49
CA GLN E 123 46.09 -0.74 29.84
CA ASP E 124 45.52 2.52 31.71
CA GLY E 125 45.12 2.94 35.48
CA SER E 126 41.48 3.91 35.85
CA VAL E 127 40.31 1.63 38.74
CA ASP E 128 41.23 0.77 42.34
CA PHE E 129 42.51 -2.78 41.69
CA GLY E 130 42.82 -2.80 45.46
CA ARG E 131 39.54 -4.11 46.93
CA LYS E 132 38.71 -6.75 49.52
CA TRP E 133 37.94 -10.38 48.73
CA ASP E 134 34.28 -9.97 47.85
CA PRO E 135 35.28 -7.55 45.00
CA TYR E 136 37.94 -9.91 43.70
CA LYS E 137 34.96 -12.28 43.93
CA GLN E 138 32.10 -10.66 42.04
CA GLY E 139 34.59 -9.56 39.42
CA PHE E 140 35.10 -5.81 39.37
CA GLY E 141 36.18 -3.41 36.67
CA ASN E 142 35.11 -1.78 33.41
CA VAL E 143 34.78 -4.47 30.78
CA ALA E 144 34.62 -2.39 27.57
CA THR E 145 34.44 1.31 26.71
CA ASN E 146 33.53 3.02 23.42
CA THR E 147 35.09 4.14 20.17
CA ASP E 148 34.50 7.34 18.21
CA GLY E 149 31.10 7.02 16.55
CA LYS E 150 30.28 3.41 17.52
CA ASN E 151 27.35 1.58 19.22
CA TYR E 152 29.27 -1.41 20.57
CA CYS E 153 32.46 -1.28 22.67
CA GLY E 154 35.72 -1.77 20.76
CA LEU E 155 38.10 -0.74 23.58
CA PRO E 156 38.48 -3.07 26.57
CA GLY E 157 39.07 -1.96 30.16
CA GLU E 158 40.72 -2.73 33.48
CA TYR E 159 38.66 -5.56 34.93
CA TRP E 160 39.01 -8.75 36.90
CA LEU E 161 36.01 -10.77 35.85
CA GLY E 162 35.08 -12.79 38.94
CA ASN E 163 37.21 -15.68 40.18
CA ASP E 164 34.06 -17.75 40.54
CA LYS E 165 33.75 -17.02 36.79
CA ILE E 166 37.42 -17.81 36.11
CA SER E 167 37.82 -20.87 38.28
CA GLN E 168 34.56 -22.01 36.62
CA LEU E 169 35.76 -21.54 33.04
CA THR E 170 38.93 -23.64 33.37
CA ARG E 171 37.13 -26.36 35.36
CA MET E 172 35.18 -27.19 32.18
CA GLY E 173 38.21 -28.91 30.71
CA PRO E 174 41.57 -27.65 29.32
CA THR E 175 42.69 -24.01 29.44
CA GLU E 176 45.76 -22.21 28.04
CA LEU E 177 46.76 -18.94 29.77
CA LEU E 178 48.41 -16.41 27.44
CA ILE E 179 49.58 -13.28 29.31
CA GLU E 180 50.80 -10.33 27.23
CA MET E 181 52.21 -7.07 28.69
CA GLU E 182 54.29 -3.99 27.70
CA ASP E 183 56.44 -0.98 28.78
CA TRP E 184 56.89 2.70 27.98
CA LYS E 185 58.82 2.50 24.71
CA GLY E 186 56.87 -0.20 22.87
CA ASP E 187 58.69 -3.42 23.79
CA LYS E 188 56.35 -6.45 24.22
CA VAL E 189 56.55 -10.15 25.17
CA LYS E 190 54.18 -13.02 26.07
CA ALA E 191 53.70 -15.42 28.99
CA HIS E 192 51.56 -18.13 27.31
CA TYR E 193 50.67 -21.27 29.29
CA GLY E 194 49.67 -24.60 27.71
CA GLY E 195 47.70 -25.20 30.89
CA PHE E 196 46.12 -23.05 33.60
CA THR E 197 43.51 -23.51 36.30
CA VAL E 198 42.00 -21.99 39.41
CA GLN E 199 40.23 -24.08 42.02
CA ASN E 200 36.81 -23.00 43.36
CA GLU E 201 36.48 -20.40 46.15
CA ALA E 202 36.52 -23.00 48.95
CA ASN E 203 39.96 -23.99 47.65
CA LYS E 204 41.21 -20.48 48.29
CA TYR E 205 41.19 -20.15 44.47
CA GLN E 206 44.28 -22.35 44.14
CA ILE E 207 46.11 -21.52 40.91
CA SER E 208 48.21 -24.06 38.97
CA VAL E 209 49.89 -23.91 35.58
CA ASN E 210 51.76 -26.49 33.46
CA LYS E 211 53.97 -25.98 30.38
CA TYR E 212 55.39 -22.56 29.47
CA ARG E 213 57.08 -20.87 26.47
CA GLY E 214 57.37 -17.16 25.79
CA THR E 215 59.53 -14.05 25.64
CA ALA E 216 58.39 -12.66 29.03
CA GLY E 217 59.58 -15.07 31.72
CA ASN E 218 58.07 -18.10 33.52
CA ALA E 219 57.53 -16.14 36.72
CA LEU E 220 54.55 -18.20 37.73
CA MET E 221 56.12 -21.71 37.89
CA ASP E 222 59.63 -20.78 39.04
CA GLY E 223 59.31 -17.15 40.01
CA ALA E 224 62.33 -15.00 40.70
CA SER E 225 65.39 -14.79 38.48
CA GLN E 226 67.57 -12.03 40.01
CA LEU E 227 67.19 -14.41 42.97
CA MET E 228 68.90 -17.82 43.74
CA GLY E 229 68.35 -21.04 45.73
CA GLU E 230 65.61 -20.25 48.29
CA ASN E 231 65.50 -16.55 47.30
CA ARG E 232 64.20 -17.29 43.75
CA THR E 233 61.90 -20.17 44.77
CA MET E 234 60.32 -18.40 47.76
CA THR E 235 57.90 -16.64 45.39
CA ILE E 236 56.76 -19.36 43.00
CA HIS E 237 53.09 -18.47 42.48
CA ASN E 238 52.44 -21.93 41.00
CA GLY E 239 50.18 -24.10 43.18
CA MET E 240 49.75 -21.26 45.67
CA PHE E 241 46.70 -19.68 47.31
CA PHE E 242 44.78 -16.59 46.19
CA SER E 243 44.04 -13.71 48.59
CA THR E 244 43.05 -10.03 48.96
CA TYR E 245 44.05 -7.38 51.50
CA ASP E 246 41.81 -9.31 53.92
CA ARG E 247 42.77 -13.01 54.32
CA ASP E 248 46.34 -14.30 54.94
CA ASN E 249 47.16 -16.92 52.34
CA ASP E 250 50.68 -15.85 51.30
CA GLY E 251 53.48 -18.35 51.90
CA TRP E 252 55.04 -15.86 54.31
CA LEU E 253 54.37 -16.54 58.01
CA THR E 254 54.64 -13.72 60.59
CA SER E 255 53.51 -12.57 64.06
CA ASP E 256 53.87 -9.17 62.40
CA PRO E 257 50.54 -8.20 60.69
CA ARG E 258 52.36 -5.44 58.72
CA LYS E 259 54.64 -8.23 57.44
CA GLN E 260 51.89 -9.33 55.04
CA CYS E 261 51.82 -9.24 51.22
CA SER E 262 48.34 -7.77 50.86
CA LYS E 263 49.27 -5.04 53.27
CA GLU E 264 52.02 -4.64 50.71
CA ASP E 265 52.07 -4.84 46.82
CA GLY E 266 48.59 -3.58 45.85
CA GLY E 267 45.92 -6.18 45.16
CA GLY E 268 44.92 -9.80 44.71
CA TRP E 269 47.10 -12.67 43.58
CA TRP E 270 48.03 -16.24 44.40
CA TYR E 271 50.58 -14.44 46.59
CA ASN E 272 53.54 -16.55 47.77
CA ARG E 273 55.92 -15.02 50.35
CA CYS E 274 54.87 -11.98 48.34
CA HIS E 275 55.69 -11.84 44.63
CA ALA E 276 57.68 -12.29 41.44
CA ALA E 277 54.86 -10.84 39.30
CA ASN E 278 52.07 -8.75 40.78
CA PRO E 279 49.60 -8.19 37.95
CA ASN E 280 46.91 -6.07 39.62
CA GLY E 281 49.06 -3.78 41.75
CA ARG E 282 49.20 0.00 41.89
CA TYR E 283 49.56 1.63 38.51
CA TYR E 284 52.70 3.79 38.13
CA TRP E 285 53.04 5.99 35.04
CA GLY E 286 56.57 5.32 33.81
CA GLY E 287 57.84 1.99 35.08
CA GLN E 288 60.54 3.36 37.39
CA TYR E 289 59.44 3.82 41.07
CA THR E 290 60.61 3.22 44.69
CA TRP E 291 60.01 3.33 48.48
CA ASP E 292 59.81 7.12 48.91
CA MET E 293 57.58 6.70 45.86
CA ALA E 294 55.32 3.86 47.08
CA LYS E 295 53.00 3.11 49.99
CA HIS E 296 54.58 0.04 51.69
CA GLY E 297 58.10 -0.51 50.37
CA THR E 298 57.05 -3.80 48.84
CA ASP E 299 57.35 -3.46 45.08
CA ASP E 300 53.59 -3.16 44.63
CA GLY E 301 52.01 -2.38 41.28
CA VAL E 302 51.91 -4.57 38.20
CA VAL E 303 55.41 -5.94 37.81
CA TRP E 304 56.68 -8.90 35.78
CA MET E 305 60.13 -8.93 37.45
CA ASN E 306 61.51 -11.64 35.20
CA TRP E 307 61.77 -9.04 32.48
CA LYS E 308 61.83 -5.42 33.76
CA GLY E 309 63.11 -6.15 37.25
CA SER E 310 61.55 -5.31 40.59
CA TRP E 311 61.35 -1.57 40.02
CA TYR E 312 59.49 -0.99 36.73
CA SER E 313 55.68 -0.80 36.36
CA MET E 314 54.12 -1.93 33.08
CA ARG E 315 51.85 -0.01 30.75
CA LYS E 316 50.20 -3.29 29.77
CA MET E 317 49.70 -6.73 31.39
CA SER E 318 46.79 -9.02 30.49
CA MET E 319 45.26 -12.40 31.30
CA LYS E 320 43.15 -14.47 28.87
CA ILE E 321 41.83 -18.05 28.47
CA ARG E 322 40.99 -20.42 25.56
CA PRO E 323 40.13 -24.17 25.83
CA PHE E 324 42.79 -26.23 23.94
CA GLU F 10 80.42 35.31 68.93
CA ALA F 11 78.00 34.53 71.76
CA SER F 12 75.56 36.52 69.67
CA ILE F 13 75.73 34.93 66.21
CA LEU F 14 74.09 32.19 68.25
CA THR F 15 70.93 33.92 67.04
CA HIS F 16 70.60 30.66 65.19
CA ASP F 17 68.93 29.17 68.24
CA SER F 18 65.79 31.01 67.26
CA SER F 19 66.16 30.56 63.46
CA ILE F 20 66.61 26.80 64.01
CA ARG F 21 63.43 26.67 66.10
CA TYR F 22 61.64 28.30 63.14
CA LEU F 23 62.67 25.48 60.83
CA GLN F 24 61.65 22.85 63.39
CA GLU F 25 58.12 24.28 63.47
CA ILE F 26 57.54 24.04 59.67
CA TYR F 27 59.19 20.62 59.68
CA ASN F 28 56.58 19.42 62.26
CA SER F 29 53.54 21.09 60.67
CA ASN F 30 54.59 19.70 57.29
CA ASN F 31 54.64 16.15 58.81
CA GLN F 32 51.08 16.44 60.18
CA LYS F 33 49.87 18.03 56.93
CA ILE F 34 51.19 14.88 55.20
CA VAL F 35 49.34 12.65 57.66
CA ASN F 36 46.21 14.75 57.01
CA LEU F 37 46.56 14.49 53.21
CA LYS F 38 46.91 10.75 53.41
CA GLU F 39 43.56 10.72 55.28
CA LYS F 40 41.94 12.71 52.42
CA VAL F 41 43.41 10.32 49.83
CA ALA F 42 41.73 7.38 51.61
CA GLN F 43 38.36 9.21 51.33
CA LEU F 44 38.83 9.84 47.59
CA GLU F 45 39.52 6.05 47.16
CA ALA F 46 36.16 5.16 48.72
CA GLN F 47 34.46 7.22 45.96
CA CYS F 48 35.78 6.14 43.30
CA GLN F 49 35.50 2.33 43.15
CA GLU F 50 32.47 1.15 41.12
CA PRO F 51 32.30 0.29 37.42
CA CYS F 52 30.98 2.39 34.48
CA LYS F 53 27.21 2.10 34.27
CA ASP F 54 26.34 0.21 31.11
CA THR F 55 23.07 1.70 29.89
CA VAL F 56 22.28 -1.25 27.63
CA GLN F 57 20.99 -3.55 30.35
CA ILE F 58 18.57 -6.48 30.08
CA HIS F 59 15.16 -7.41 31.44
CA ASP F 60 14.85 -10.50 33.65
CA ILE F 61 11.40 -12.03 32.98
CA THR F 62 12.15 -15.19 31.00
CA GLY F 63 9.56 -17.13 28.99
CA LYS F 64 9.12 -19.60 26.11
CA ASP F 65 9.13 -16.71 23.59
CA CYS F 66 8.61 -12.93 23.38
CA GLN F 67 4.83 -13.24 23.71
CA ASP F 68 5.35 -15.19 26.94
CA ILE F 69 7.39 -12.21 28.12
CA ALA F 70 4.85 -9.61 27.01
CA ASN F 71 2.14 -11.45 28.85
CA LYS F 72 4.12 -11.54 32.10
CA GLY F 73 2.76 -7.99 32.39
CA ALA F 74 5.80 -6.31 30.83
CA LYS F 75 5.81 -3.14 28.77
CA GLN F 76 9.20 -1.81 27.55
CA SER F 77 10.31 -3.41 24.23
CA GLY F 78 13.91 -4.24 25.01
CA LEU F 79 16.35 -7.14 25.03
CA TYR F 80 15.07 -10.21 26.88
CA PHE F 81 16.03 -13.83 27.23
CA ILE F 82 14.24 -17.02 26.16
CA LYS F 83 14.45 -20.80 26.02
CA PRO F 84 11.71 -22.91 24.27
CA LEU F 85 11.09 -26.66 24.94
CA LYS F 86 13.46 -27.63 22.11
CA ALA F 87 16.35 -25.28 22.89
CA ASN F 88 19.25 -26.31 25.15
CA GLN F 89 21.00 -23.02 25.88
CA GLN F 90 19.26 -19.61 25.91
CA PHE F 91 19.79 -16.67 23.54
CA LEU F 92 19.10 -12.91 23.30
CA VAL F 93 16.33 -11.22 21.29
CA TYR F 94 14.70 -7.75 21.04
CA CYS F 95 10.96 -7.81 21.70
CA GLU F 96 8.44 -5.17 20.59
CA ILE F 97 5.61 -5.06 23.13
CA ASP F 98 2.69 -2.71 22.51
CA GLY F 99 -0.32 -1.62 24.54
CA SER F 100 -2.85 -4.41 23.97
CA GLY F 101 -0.52 -7.15 25.31
CA ASN F 102 1.07 -8.64 22.17
CA GLY F 103 4.83 -9.30 22.34
CA TRP F 104 6.91 -9.43 19.14
CA THR F 105 10.35 -10.91 18.51
CA VAL F 106 12.68 -9.28 15.97
CA PHE F 107 14.96 -11.66 14.11
CA GLN F 108 16.33 -9.11 11.64
CA LYS F 109 16.08 -5.47 10.53
CA ARG F 110 18.65 -3.55 8.42
CA LEU F 111 18.47 0.20 9.07
CA ASP F 112 21.62 2.12 8.22
CA GLY F 113 24.05 -0.25 6.62
CA SER F 114 26.08 -0.41 9.83
CA VAL F 115 26.64 -4.15 9.45
CA ASP F 116 27.79 -6.57 6.78
CA PHE F 117 25.34 -9.15 5.48
CA LYS F 118 27.81 -11.28 3.56
CA LYS F 119 28.73 -13.69 6.36
CA ASN F 120 29.42 -17.36 5.66
CA TRP F 121 27.05 -20.18 6.43
CA ILE F 122 27.99 -21.00 10.03
CA GLN F 123 27.96 -17.31 10.97
CA TYR F 124 24.45 -17.29 9.50
CA LYS F 125 23.12 -20.23 11.50
CA GLU F 126 24.05 -18.87 14.91
CA GLY F 127 23.60 -15.19 14.12
CA PHE F 128 25.29 -11.79 14.01
CA GLY F 129 24.86 -8.11 14.61
CA HIS F 130 23.74 -6.86 18.01
CA LEU F 131 20.72 -6.10 20.13
CA SER F 132 20.45 -2.55 21.47
CA PRO F 133 17.41 -1.78 23.69
CA THR F 134 16.63 1.38 21.69
CA GLY F 135 16.42 -0.36 18.31
CA THR F 136 18.89 1.39 16.00
CA THR F 137 20.84 -1.86 15.65
CA GLU F 138 20.94 -4.18 12.55
CA PHE F 139 21.40 -7.94 12.77
CA TRP F 140 20.28 -11.48 12.07
CA LEU F 141 19.26 -13.68 15.04
CA GLY F 142 20.42 -16.98 13.49
CA ASN F 143 18.36 -19.36 11.38
CA GLU F 144 18.87 -22.20 13.84
CA LYS F 145 17.88 -19.67 16.48
CA ILE F 146 14.80 -18.43 14.57
CA HIS F 147 13.56 -21.93 13.79
CA LEU F 148 13.36 -22.83 17.48
CA ILE F 149 11.14 -19.87 18.20
CA SER F 150 8.90 -20.46 15.17
CA THR F 151 8.23 -24.03 16.20
CA GLN F 152 6.72 -24.04 19.73
CA SER F 153 4.34 -26.98 20.28
CA ALA F 154 1.88 -26.92 17.36
CA ILE F 155 1.51 -23.21 18.15
CA PRO F 156 1.55 -21.11 14.92
CA TYR F 157 3.53 -17.91 14.34
CA ALA F 158 3.27 -15.13 11.73
CA LEU F 159 6.11 -13.12 10.16
CA ARG F 160 5.22 -9.46 9.53
CA VAL F 161 7.84 -7.67 7.50
CA GLU F 162 7.81 -3.92 7.93
CA LEU F 163 9.63 -1.88 5.23
CA GLU F 164 10.60 1.79 4.72
CA ASP F 165 11.65 3.70 1.59
CA TRP F 166 13.61 6.94 1.85
CA ASN F 167 10.61 9.25 2.38
CA GLY F 168 8.95 7.80 5.48
CA ARG F 169 6.10 5.84 3.89
CA THR F 170 5.64 2.65 5.93
CA SER F 171 4.42 -0.64 4.39
CA THR F 172 4.12 -4.26 5.59
CA ALA F 173 3.97 -7.89 4.43
CA ASP F 174 2.58 -10.41 6.88
CA TYR F 175 2.43 -14.18 6.54
CA ALA F 176 0.53 -16.94 8.33
CA MET F 177 1.97 -20.16 9.69
CA PHE F 178 5.60 -18.97 9.88
CA LYS F 179 8.31 -21.56 10.59
CA VAL F 180 12.00 -21.70 9.60
CA GLY F 181 13.03 -25.26 8.74
CA PRO F 182 15.78 -27.13 10.68
CA GLU F 183 19.36 -27.64 9.49
CA ALA F 184 18.73 -31.35 8.82
CA ASP F 185 16.86 -30.00 5.80
CA LYS F 186 18.63 -26.68 5.25
CA TYR F 187 16.45 -23.83 6.51
CA ARG F 188 13.36 -23.55 4.30
CA LEU F 189 11.13 -20.50 4.86
CA THR F 190 7.81 -22.36 4.83
CA TYR F 191 4.45 -20.67 5.33
CA ALA F 192 0.80 -21.52 4.72
CA TYR F 193 -0.74 -18.42 3.13
CA PHE F 194 -0.75 -14.66 3.27
CA ALA F 195 -2.02 -12.02 5.69
CA GLY F 196 -2.10 -8.69 3.90
CA GLY F 197 -0.22 -5.42 3.60
CA ASP F 198 0.59 -2.54 1.25
CA ALA F 199 4.04 -3.94 0.43
CA GLY F 200 2.69 -6.91 -1.45
CA ASP F 201 3.04 -10.61 -0.73
CA ALA F 202 6.53 -11.13 -2.11
CA PHE F 203 7.49 -14.70 -1.14
CA ASP F 204 4.83 -15.84 -3.65
CA GLY F 205 6.43 -14.70 -6.89
CA PHE F 206 6.70 -11.57 -9.05
CA ASP F 207 6.43 -11.29 -12.79
CA PHE F 208 9.35 -9.27 -14.23
CA GLY F 209 8.69 -10.19 -17.84
CA ASP F 210 12.25 -11.43 -18.22
CA ASP F 211 10.53 -14.73 -19.13
CA PRO F 212 7.02 -16.27 -19.00
CA SER F 213 7.95 -18.53 -16.07
CA ASP F 214 9.49 -15.76 -13.87
CA LYS F 215 6.80 -15.66 -11.17
CA PHE F 216 7.29 -19.35 -10.34
CA PHE F 217 11.07 -19.35 -10.40
CA THR F 218 11.17 -16.36 -8.05
CA SER F 219 8.98 -17.73 -5.22
CA HIS F 220 10.44 -17.95 -1.71
CA ASN F 221 7.75 -20.18 -0.21
CA GLY F 222 9.55 -23.47 0.35
CA MET F 223 12.98 -22.32 -0.74
CA GLN F 224 15.52 -23.76 1.71
CA PHE F 225 18.21 -21.39 2.98
CA SER F 226 21.57 -20.60 1.42
CA THR F 227 25.03 -19.03 1.71
CA TRP F 228 28.01 -18.50 -0.60
CA ASP F 229 29.88 -21.57 0.69
CA ASN F 230 26.79 -23.82 0.86
CA ASP F 231 24.58 -23.74 -2.25
CA ASN F 232 21.03 -25.11 -2.18
CA ASP F 233 19.73 -23.08 -5.16
CA LYS F 234 16.90 -24.18 -7.46
CA PHE F 235 19.15 -22.51 -10.05
CA GLU F 236 22.13 -24.25 -11.65
CA GLY F 237 24.73 -21.82 -10.34
CA ASN F 238 24.90 -20.21 -6.86
CA CYS F 239 22.49 -17.26 -6.49
CA ALA F 240 23.63 -16.36 -3.02
CA GLU F 241 27.29 -16.00 -3.85
CA GLN F 242 26.50 -13.72 -6.80
CA ASP F 243 24.04 -11.53 -4.90
CA GLY F 244 26.79 -11.80 -2.28
CA SER F 245 24.62 -12.75 0.70
CA GLY F 246 22.36 -15.21 2.53
CA TRP F 247 18.64 -15.80 2.00
CA TRP F 248 16.08 -18.42 0.94
CA MET F 249 16.80 -17.86 -2.75
CA ASN F 250 14.60 -19.33 -5.54
CA LYS F 251 15.00 -17.76 -8.93
CA CYS F 252 17.63 -16.07 -6.78
CA HIS F 253 15.05 -13.69 -5.36
CA ALA F 254 11.95 -11.51 -5.49
CA GLY F 255 12.00 -10.27 -1.92
CA HIS F 256 15.65 -9.85 -0.99
CA LEU F 257 15.94 -8.55 2.57
CA ASN F 258 19.64 -9.42 2.79
CA GLY F 259 21.26 -7.39 0.02
CA VAL F 260 23.87 -4.64 -0.03
CA TYR F 261 22.82 -1.30 1.47
CA TYR F 262 22.47 1.31 -1.28
CA GLN F 263 22.68 4.79 0.14
CA GLY F 264 19.99 6.89 -1.52
CA GLY F 265 17.74 3.89 -1.98
CA THR F 266 18.45 3.63 -5.71
CA TYR F 267 20.91 1.62 -7.81
CA SER F 268 21.12 0.65 -11.51
CA LYS F 269 22.44 -2.26 -13.60
CA ALA F 270 26.03 -1.00 -13.29
CA SER F 271 25.79 -0.24 -9.56
CA THR F 272 26.50 -3.96 -9.40
CA PRO F 273 29.93 -5.65 -10.07
CA ASN F 274 29.02 -8.80 -12.08
CA GLY F 275 25.69 -7.80 -13.66
CA TYR F 276 22.77 -8.56 -11.29
CA ASP F 277 20.46 -6.93 -8.64
CA ASN F 278 21.22 -7.64 -4.95
CA GLY F 279 19.82 -4.65 -3.07
CA ILE F 280 17.09 -4.97 -0.46
CA ILE F 281 14.12 -5.43 -2.80
CA TRP F 282 10.49 -6.39 -2.29
CA ALA F 283 9.31 -6.83 -5.92
CA THR F 284 5.60 -6.18 -5.27
CA TRP F 285 6.16 -2.99 -3.28
CA LYS F 286 9.25 -1.93 -5.24
CA THR F 287 10.91 -2.35 -8.64
CA ARG F 288 13.83 -4.75 -9.26
CA TRP F 289 15.93 -1.71 -8.28
CA TYR F 290 15.53 0.23 -5.04
CA SER F 291 16.81 -0.94 -1.66
CA MET F 292 14.89 0.03 1.51
CA LYS F 293 16.41 2.57 3.95
CA LYS F 294 15.21 0.56 6.93
CA THR F 295 13.70 -2.97 7.03
CA THR F 296 12.40 -5.14 9.87
CA MET F 297 11.15 -8.72 10.34
CA LYS F 298 9.62 -10.44 13.36
CA ILE F 299 7.42 -13.30 14.45
CA ILE F 300 4.46 -13.90 16.81
CA PRO F 301 1.79 -16.45 17.68
CA PHE F 302 -0.54 -16.24 14.67
CA ASN F 303 -3.54 -15.67 16.93
CA ARG F 304 -2.68 -12.06 17.69
#